data_6AC0
#
_entry.id   6AC0
#
_cell.length_a   28.600
_cell.length_b   28.600
_cell.length_c   264.720
_cell.angle_alpha   90.00
_cell.angle_beta   90.00
_cell.angle_gamma   90.00
#
_symmetry.space_group_name_H-M   'P 41 21 2'
#
loop_
_entity.id
_entity.type
_entity.pdbx_description
1 polymer 'Tumor necrosis factor receptor type 1-associated DEATH domain protein'
2 non-polymer 2-acetamido-2-deoxy-beta-D-glucopyranose
3 water water
#
_entity_poly.entity_id   1
_entity_poly.type   'polypeptide(L)'
_entity_poly.pdbx_seq_one_letter_code
;PPPPAQTFLFQGQPVVNRPLSLKDQQTFARSVGLKWRKVGRSLQRGCRALRDPALDSLAYEYEREGLYEQAFQLLRRFVQ
AEGRRATLQRLVEALEENELTSLAEDLLGLTDPNGGLA
;
_entity_poly.pdbx_strand_id   A
#
# COMPACT_ATOMS: atom_id res chain seq x y z
N PRO A 4 -12.00 -5.89 10.93
CA PRO A 4 -10.84 -5.02 11.19
C PRO A 4 -11.12 -4.04 12.31
N ALA A 5 -10.06 -3.64 13.01
CA ALA A 5 -10.19 -2.67 14.09
C ALA A 5 -10.49 -1.28 13.52
N GLN A 6 -11.17 -0.46 14.34
CA GLN A 6 -11.47 0.91 13.94
C GLN A 6 -10.28 1.84 14.10
N THR A 7 -9.28 1.46 14.89
CA THR A 7 -8.10 2.28 15.14
C THR A 7 -6.90 1.35 15.20
N PHE A 8 -5.72 1.95 15.11
CA PHE A 8 -4.50 1.19 15.37
C PHE A 8 -3.42 2.15 15.86
N LEU A 9 -2.32 1.57 16.31
CA LEU A 9 -1.20 2.34 16.82
C LEU A 9 -0.12 2.44 15.74
N PHE A 10 0.31 3.66 15.45
CA PHE A 10 1.37 3.91 14.47
C PHE A 10 2.36 4.89 15.09
N GLN A 11 3.61 4.47 15.22
CA GLN A 11 4.64 5.32 15.83
C GLN A 11 4.24 5.75 17.23
N GLY A 12 3.59 4.86 17.96
CA GLY A 12 3.07 5.23 19.26
C GLY A 12 1.90 6.20 19.25
N GLN A 13 1.33 6.48 18.08
CA GLN A 13 0.25 7.43 17.96
C GLN A 13 -1.02 6.72 17.55
N PRO A 14 -2.17 7.00 18.18
CA PRO A 14 -3.42 6.35 17.76
C PRO A 14 -3.92 6.98 16.48
N VAL A 15 -4.28 6.14 15.51
CA VAL A 15 -4.77 6.60 14.22
C VAL A 15 -6.03 5.82 13.86
N VAL A 16 -6.87 6.43 13.03
CA VAL A 16 -8.11 5.80 12.61
C VAL A 16 -7.87 4.89 11.41
N ASN A 17 -8.46 3.70 11.46
CA ASN A 17 -8.39 2.73 10.37
C ASN A 17 -9.59 2.91 9.46
N ARG A 18 -9.45 2.41 8.23
CA ARG A 18 -10.53 2.47 7.26
C ARG A 18 -10.13 1.60 6.07
N PRO A 19 -11.09 1.23 5.22
CA PRO A 19 -10.74 0.60 3.94
C PRO A 19 -9.87 1.58 3.15
N LEU A 20 -8.98 1.02 2.32
CA LEU A 20 -8.15 1.86 1.46
C LEU A 20 -9.02 2.77 0.60
N SER A 21 -8.58 4.01 0.43
CA SER A 21 -9.30 4.98 -0.38
C SER A 21 -8.64 5.12 -1.75
N LEU A 22 -9.36 5.75 -2.67
CA LEU A 22 -8.75 6.12 -3.95
C LEU A 22 -7.51 6.97 -3.73
N LYS A 23 -7.60 7.93 -2.81
CA LYS A 23 -6.45 8.78 -2.53
C LYS A 23 -5.27 7.95 -2.04
N ASP A 24 -5.52 6.98 -1.16
CA ASP A 24 -4.43 6.12 -0.71
C ASP A 24 -3.76 5.45 -1.90
N GLN A 25 -4.57 4.95 -2.85
CA GLN A 25 -4.04 4.21 -3.98
C GLN A 25 -3.22 5.11 -4.89
N GLN A 26 -3.72 6.31 -5.15
CA GLN A 26 -2.99 7.26 -5.99
C GLN A 26 -1.67 7.63 -5.34
N THR A 27 -1.72 7.95 -4.05
CA THR A 27 -0.49 8.38 -3.37
C THR A 27 0.52 7.25 -3.35
N PHE A 28 0.06 6.02 -3.08
CA PHE A 28 0.96 4.88 -3.15
C PHE A 28 1.58 4.74 -4.53
N ALA A 29 0.75 4.78 -5.58
CA ALA A 29 1.25 4.59 -6.94
C ALA A 29 2.24 5.67 -7.36
N ARG A 30 2.05 6.90 -6.90
CA ARG A 30 2.94 8.02 -7.21
C ARG A 30 4.31 7.91 -6.53
N SER A 31 4.46 7.01 -5.56
CA SER A 31 5.61 7.05 -4.66
C SER A 31 6.48 5.80 -4.65
N VAL A 32 5.91 4.61 -4.80
CA VAL A 32 6.68 3.41 -4.42
C VAL A 32 7.66 2.95 -5.48
N GLY A 33 7.35 3.17 -6.77
CA GLY A 33 8.23 2.69 -7.82
C GLY A 33 8.43 1.18 -7.76
N LEU A 34 9.68 0.76 -7.95
CA LEU A 34 10.01 -0.67 -7.95
C LEU A 34 9.70 -1.34 -6.61
N LYS A 35 9.62 -0.56 -5.53
CA LYS A 35 9.28 -1.16 -4.24
C LYS A 35 7.86 -1.72 -4.18
N TRP A 36 7.03 -1.55 -5.22
CA TRP A 36 5.71 -2.17 -5.20
C TRP A 36 5.82 -3.67 -4.99
N ARG A 37 6.85 -4.30 -5.56
CA ARG A 37 7.03 -5.73 -5.41
C ARG A 37 7.29 -6.13 -3.96
N LYS A 38 8.15 -5.38 -3.24
CA LYS A 38 8.42 -5.70 -1.85
C LYS A 38 7.18 -5.47 -0.99
N VAL A 39 6.42 -4.43 -1.29
CA VAL A 39 5.16 -4.22 -0.56
C VAL A 39 4.20 -5.36 -0.84
N GLY A 40 4.15 -5.81 -2.10
CA GLY A 40 3.34 -6.97 -2.43
C GLY A 40 3.75 -8.22 -1.67
N ARG A 41 5.06 -8.43 -1.49
CA ARG A 41 5.53 -9.57 -0.72
C ARG A 41 5.02 -9.51 0.71
N SER A 42 5.01 -8.31 1.29
CA SER A 42 4.47 -8.15 2.64
C SER A 42 2.97 -8.44 2.65
N LEU A 43 2.24 -7.95 1.65
CA LEU A 43 0.81 -8.16 1.63
C LEU A 43 0.43 -9.62 1.33
N GLN A 44 1.30 -10.39 0.66
CA GLN A 44 1.04 -11.80 0.35
C GLN A 44 0.77 -12.63 1.60
N ARG A 45 1.35 -12.21 2.72
CA ARG A 45 1.27 -12.99 3.93
C ARG A 45 -0.15 -13.08 4.47
N GLY A 46 -0.94 -12.02 4.32
CA GLY A 46 -2.30 -12.03 4.81
C GLY A 46 -3.35 -12.01 3.72
N CYS A 47 -2.92 -12.09 2.46
CA CYS A 47 -3.83 -12.03 1.31
C CYS A 47 -3.45 -13.16 0.36
N ARG A 48 -4.22 -14.25 0.42
CA ARG A 48 -4.00 -15.41 -0.43
C ARG A 48 -3.96 -15.02 -1.90
N ALA A 49 -4.81 -14.07 -2.29
CA ALA A 49 -4.94 -13.73 -3.70
C ALA A 49 -3.70 -13.06 -4.26
N LEU A 50 -2.84 -12.53 -3.40
CA LEU A 50 -1.59 -11.96 -3.86
C LEU A 50 -0.41 -12.94 -3.83
N ARG A 51 -0.62 -14.18 -3.39
CA ARG A 51 0.48 -15.14 -3.35
C ARG A 51 0.87 -15.55 -4.76
N ASP A 52 2.12 -16.01 -4.90
CA ASP A 52 2.65 -16.36 -6.21
C ASP A 52 1.69 -17.33 -6.90
N PRO A 53 1.46 -17.19 -8.21
CA PRO A 53 2.14 -16.25 -9.09
C PRO A 53 1.42 -14.92 -9.32
N ALA A 54 0.61 -14.44 -8.37
CA ALA A 54 -0.20 -13.27 -8.66
C ALA A 54 0.64 -12.04 -8.97
N LEU A 55 1.78 -11.89 -8.29
CA LEU A 55 2.61 -10.71 -8.55
C LEU A 55 3.24 -10.79 -9.93
N ASP A 56 3.55 -12.01 -10.40
CA ASP A 56 4.08 -12.20 -11.74
C ASP A 56 3.00 -11.94 -12.78
N SER A 57 1.76 -12.36 -12.48
CA SER A 57 0.65 -12.05 -13.37
CA SER A 57 0.63 -12.05 -13.35
C SER A 57 0.46 -10.54 -13.49
N LEU A 58 0.51 -9.82 -12.37
CA LEU A 58 0.40 -8.37 -12.40
C LEU A 58 1.51 -7.77 -13.25
N ALA A 59 2.73 -8.27 -13.07
CA ALA A 59 3.85 -7.77 -13.85
C ALA A 59 3.66 -8.04 -15.34
N TYR A 60 3.27 -9.27 -15.70
CA TYR A 60 2.99 -9.59 -17.10
C TYR A 60 1.98 -8.63 -17.70
N GLU A 61 0.90 -8.36 -16.97
CA GLU A 61 -0.20 -7.57 -17.52
C GLU A 61 0.11 -6.08 -17.56
N TYR A 62 0.94 -5.58 -16.62
CA TYR A 62 1.08 -4.14 -16.45
C TYR A 62 2.50 -3.58 -16.51
N GLU A 63 3.54 -4.42 -16.52
CA GLU A 63 4.89 -3.88 -16.55
C GLU A 63 5.09 -2.94 -17.74
N ARG A 64 4.52 -3.26 -18.90
CA ARG A 64 4.69 -2.42 -20.07
C ARG A 64 3.87 -1.14 -20.01
N GLU A 65 2.97 -1.03 -19.03
CA GLU A 65 2.23 0.20 -18.80
C GLU A 65 2.94 1.14 -17.85
N GLY A 66 3.96 0.68 -17.14
CA GLY A 66 4.83 1.56 -16.39
C GLY A 66 4.75 1.29 -14.89
N LEU A 67 5.68 1.94 -14.18
CA LEU A 67 5.84 1.69 -12.76
C LEU A 67 4.65 2.22 -11.95
N TYR A 68 4.15 3.39 -12.32
CA TYR A 68 2.98 3.96 -11.64
C TYR A 68 1.80 3.01 -11.75
N GLU A 69 1.54 2.49 -12.95
CA GLU A 69 0.38 1.64 -13.14
C GLU A 69 0.54 0.31 -12.43
N GLN A 70 1.74 -0.28 -12.44
CA GLN A 70 1.93 -1.53 -11.70
C GLN A 70 1.59 -1.36 -10.22
N ALA A 71 2.04 -0.28 -9.61
CA ALA A 71 1.78 -0.08 -8.20
C ALA A 71 0.29 0.13 -7.94
N PHE A 72 -0.38 0.90 -8.81
CA PHE A 72 -1.81 1.08 -8.67
C PHE A 72 -2.53 -0.26 -8.78
N GLN A 73 -2.14 -1.09 -9.73
CA GLN A 73 -2.84 -2.36 -9.93
C GLN A 73 -2.61 -3.33 -8.77
N LEU A 74 -1.46 -3.25 -8.10
CA LEU A 74 -1.26 -4.07 -6.89
C LEU A 74 -2.36 -3.80 -5.88
N LEU A 75 -2.62 -2.52 -5.60
CA LEU A 75 -3.64 -2.21 -4.61
C LEU A 75 -5.05 -2.50 -5.11
N ARG A 76 -5.29 -2.37 -6.42
CA ARG A 76 -6.58 -2.75 -6.97
C ARG A 76 -6.84 -4.24 -6.73
N ARG A 77 -5.82 -5.08 -6.95
CA ARG A 77 -5.99 -6.52 -6.74
C ARG A 77 -6.21 -6.83 -5.26
N PHE A 78 -5.51 -6.10 -4.39
CA PHE A 78 -5.69 -6.27 -2.94
C PHE A 78 -7.13 -5.96 -2.53
N VAL A 79 -7.66 -4.82 -2.99
CA VAL A 79 -9.03 -4.45 -2.69
C VAL A 79 -10.02 -5.43 -3.32
N GLN A 80 -9.78 -5.84 -4.57
CA GLN A 80 -10.67 -6.80 -5.21
C GLN A 80 -10.80 -8.08 -4.39
N ALA A 81 -9.68 -8.56 -3.85
CA ALA A 81 -9.65 -9.82 -3.11
C ALA A 81 -10.25 -9.67 -1.72
N GLU A 82 -9.87 -8.63 -1.00
CA GLU A 82 -10.20 -8.49 0.42
C GLU A 82 -11.37 -7.57 0.70
N GLY A 83 -11.79 -6.77 -0.26
CA GLY A 83 -12.87 -5.82 0.01
C GLY A 83 -12.51 -4.85 1.11
N ARG A 84 -13.47 -4.62 2.00
CA ARG A 84 -13.28 -3.67 3.10
C ARG A 84 -12.19 -4.10 4.06
N ARG A 85 -11.79 -5.36 4.06
CA ARG A 85 -10.65 -5.78 4.88
C ARG A 85 -9.31 -5.36 4.30
N ALA A 86 -9.27 -4.87 3.07
CA ALA A 86 -8.06 -4.24 2.54
C ALA A 86 -7.97 -2.83 3.12
N THR A 87 -7.29 -2.71 4.26
CA THR A 87 -7.33 -1.50 5.08
C THR A 87 -6.05 -0.68 5.02
N LEU A 88 -6.21 0.57 5.45
CA LEU A 88 -5.08 1.45 5.69
C LEU A 88 -4.07 0.84 6.65
N GLN A 89 -4.54 0.18 7.71
CA GLN A 89 -3.63 -0.46 8.64
C GLN A 89 -2.71 -1.47 7.95
N ARG A 90 -3.29 -2.35 7.13
CA ARG A 90 -2.48 -3.37 6.48
C ARG A 90 -1.47 -2.77 5.52
N LEU A 91 -1.87 -1.73 4.78
CA LEU A 91 -0.91 -1.09 3.88
C LEU A 91 0.18 -0.36 4.66
N VAL A 92 -0.19 0.37 5.71
CA VAL A 92 0.80 1.10 6.51
C VAL A 92 1.80 0.15 7.14
N GLU A 93 1.33 -1.00 7.63
CA GLU A 93 2.26 -1.97 8.20
C GLU A 93 3.25 -2.46 7.15
N ALA A 94 2.76 -2.73 5.94
CA ALA A 94 3.64 -3.16 4.86
C ALA A 94 4.64 -2.06 4.50
N LEU A 95 4.19 -0.81 4.47
CA LEU A 95 5.10 0.29 4.19
C LEU A 95 6.19 0.42 5.24
N GLU A 96 5.81 0.35 6.53
CA GLU A 96 6.80 0.44 7.60
C GLU A 96 7.85 -0.65 7.46
N GLU A 97 7.41 -1.88 7.16
CA GLU A 97 8.33 -3.00 6.99
C GLU A 97 9.33 -2.74 5.88
N ASN A 98 8.94 -1.95 4.89
CA ASN A 98 9.73 -1.76 3.68
C ASN A 98 10.37 -0.38 3.61
N GLU A 99 10.57 0.26 4.76
CA GLU A 99 11.33 1.50 4.84
C GLU A 99 10.67 2.64 4.08
N LEU A 100 9.34 2.70 4.14
CA LEU A 100 8.57 3.73 3.48
C LEU A 100 7.70 4.47 4.49
N THR A 101 8.32 4.88 5.60
CA THR A 101 7.55 5.49 6.69
C THR A 101 6.99 6.85 6.31
N SER A 102 7.75 7.65 5.56
CA SER A 102 7.22 8.94 5.11
C SER A 102 5.92 8.75 4.33
N LEU A 103 5.92 7.80 3.40
CA LEU A 103 4.70 7.51 2.65
C LEU A 103 3.56 7.09 3.57
N ALA A 104 3.85 6.21 4.56
CA ALA A 104 2.82 5.82 5.52
C ALA A 104 2.26 7.04 6.24
N GLU A 105 3.13 7.94 6.69
CA GLU A 105 2.70 9.17 7.33
C GLU A 105 1.84 10.03 6.41
N ASP A 106 2.17 10.04 5.11
CA ASP A 106 1.35 10.80 4.15
CA ASP A 106 1.34 10.82 4.20
C ASP A 106 -0.07 10.26 4.15
N LEU A 107 -0.19 8.93 4.04
CA LEU A 107 -1.50 8.30 3.97
C LEU A 107 -2.31 8.57 5.23
N LEU A 108 -1.65 8.58 6.39
CA LEU A 108 -2.27 8.80 7.68
C LEU A 108 -2.52 10.27 7.99
N GLY A 109 -2.17 11.19 7.10
CA GLY A 109 -2.34 12.59 7.36
C GLY A 109 -1.43 13.14 8.44
N LEU A 110 -0.32 12.46 8.75
CA LEU A 110 0.61 12.88 9.79
C LEU A 110 1.77 13.71 9.26
N THR A 111 1.92 13.79 7.94
CA THR A 111 3.04 14.50 7.34
C THR A 111 2.80 16.00 7.39
N ASP A 112 3.79 16.72 7.87
CA ASP A 112 3.78 18.17 7.77
C ASP A 112 3.92 18.52 6.28
N PRO A 113 2.95 19.21 5.68
CA PRO A 113 3.09 19.55 4.27
C PRO A 113 4.29 20.43 3.98
N ASN A 114 4.74 21.22 4.96
CA ASN A 114 5.88 22.11 4.79
C ASN A 114 7.12 21.61 5.53
N GLY A 115 7.26 20.30 5.69
CA GLY A 115 8.41 19.70 6.33
C GLY A 115 9.51 19.36 5.34
N GLY A 116 10.41 18.50 5.77
CA GLY A 116 11.54 18.13 4.93
C GLY A 116 11.12 17.33 3.72
N LEU A 117 11.93 17.44 2.66
CA LEU A 117 11.68 16.68 1.44
C LEU A 117 11.98 15.20 1.66
N ALA A 118 11.08 14.35 1.21
CA ALA A 118 11.25 12.90 1.31
C ALA A 118 11.32 12.35 -0.09
#